data_3P1I
#
_entry.id   3P1I
#
_cell.length_a   102.160
_cell.length_b   102.160
_cell.length_c   117.860
_cell.angle_alpha   90.00
_cell.angle_beta   90.00
_cell.angle_gamma   90.00
#
_symmetry.space_group_name_H-M   'P 43 21 2'
#
loop_
_entity.id
_entity.type
_entity.pdbx_description
1 polymer 'Ephrin type-B receptor 3'
2 non-polymer 'SULFATE ION'
3 non-polymer 'CHLORIDE ION'
4 water water
#
_entity_poly.entity_id   1
_entity_poly.type   'polypeptide(L)'
_entity_poly.pdbx_seq_one_letter_code
;AAPEHHHHHHDYDIPTTENLYFQGAMDEETLMDTKWVTSELAWTSHPESGWEEVSGYDEAMNPIRTYQVCNVRESSQNNW
LRTGFIWRRDVQRVYVELKFTVRDCNSIPNIPGSCKETFNLFYYEADSDVASASSPFWMENPYVKVDTIAPDESFSRLDA
GRVNTKVRSFGPLSKAGFYLAFQDQGACMSLISVRAFYKK
;
_entity_poly.pdbx_strand_id   A,B,C
#
# COMPACT_ATOMS: atom_id res chain seq x y z
N ASP A 27 -35.71 6.23 22.19
CA ASP A 27 -35.36 4.88 22.75
C ASP A 27 -34.97 3.90 21.63
N GLU A 28 -33.96 3.09 21.90
CA GLU A 28 -33.32 2.21 20.90
C GLU A 28 -32.87 0.91 21.54
N GLU A 29 -32.68 -0.13 20.75
CA GLU A 29 -32.07 -1.39 21.22
C GLU A 29 -31.14 -1.92 20.14
N THR A 30 -29.97 -2.36 20.57
CA THR A 30 -28.96 -2.87 19.67
C THR A 30 -29.06 -4.38 19.45
N LEU A 31 -29.17 -4.76 18.19
CA LEU A 31 -29.20 -6.15 17.78
C LEU A 31 -27.79 -6.72 17.56
N MET A 32 -26.91 -5.93 16.95
CA MET A 32 -25.54 -6.35 16.74
C MET A 32 -24.64 -5.10 16.75
N ASP A 33 -23.49 -5.19 17.41
CA ASP A 33 -22.52 -4.12 17.31
C ASP A 33 -21.12 -4.74 17.22
N THR A 34 -20.37 -4.42 16.16
CA THR A 34 -18.97 -4.90 16.00
C THR A 34 -18.08 -4.48 17.17
N LYS A 35 -18.40 -3.38 17.82
CA LYS A 35 -17.59 -2.91 18.93
C LYS A 35 -17.72 -3.75 20.19
N TRP A 36 -18.69 -4.68 20.22
CA TRP A 36 -18.81 -5.64 21.30
C TRP A 36 -17.74 -6.72 21.26
N VAL A 37 -17.12 -6.91 20.11
CA VAL A 37 -16.24 -8.05 19.90
C VAL A 37 -14.83 -7.74 20.34
N THR A 38 -14.30 -8.61 21.18
CA THR A 38 -12.92 -8.44 21.66
C THR A 38 -11.98 -9.47 21.03
N SER A 39 -12.52 -10.56 20.48
CA SER A 39 -11.67 -11.57 19.81
C SER A 39 -11.54 -11.31 18.31
N GLU A 40 -12.49 -11.83 17.53
CA GLU A 40 -12.51 -11.61 16.09
C GLU A 40 -13.95 -11.61 15.60
N LEU A 41 -14.25 -10.80 14.60
CA LEU A 41 -15.54 -10.86 13.93
C LEU A 41 -15.65 -12.16 13.12
N ALA A 42 -14.58 -12.53 12.44
CA ALA A 42 -14.53 -13.74 11.63
C ALA A 42 -15.78 -13.77 10.74
N TRP A 43 -16.02 -12.65 10.05
CA TRP A 43 -17.05 -12.57 8.99
C TRP A 43 -16.51 -13.24 7.73
N THR A 44 -17.36 -13.45 6.72
CA THR A 44 -16.96 -14.19 5.52
C THR A 44 -16.60 -13.26 4.37
N SER A 45 -15.35 -13.33 3.90
CA SER A 45 -14.90 -12.48 2.81
C SER A 45 -14.87 -13.30 1.54
N HIS A 46 -15.51 -12.82 0.48
CA HIS A 46 -15.55 -13.51 -0.80
C HIS A 46 -15.18 -12.52 -1.92
N PRO A 47 -13.97 -12.62 -2.50
CA PRO A 47 -12.90 -13.58 -2.23
C PRO A 47 -12.09 -13.18 -0.98
N GLU A 48 -11.19 -14.07 -0.56
CA GLU A 48 -10.37 -13.80 0.64
C GLU A 48 -9.38 -12.64 0.41
N SER A 49 -9.01 -12.44 -0.85
CA SER A 49 -8.10 -11.39 -1.21
C SER A 49 -8.76 -9.99 -1.17
N GLY A 50 -10.04 -9.94 -0.78
CA GLY A 50 -10.77 -8.65 -0.73
C GLY A 50 -10.79 -8.06 0.65
N TRP A 51 -11.94 -8.07 1.29
CA TRP A 51 -12.07 -7.48 2.61
C TRP A 51 -11.25 -8.27 3.63
N GLU A 52 -10.58 -7.57 4.53
CA GLU A 52 -9.65 -8.15 5.49
C GLU A 52 -9.92 -7.57 6.87
N GLU A 53 -10.02 -8.44 7.87
CA GLU A 53 -10.25 -8.01 9.24
C GLU A 53 -8.94 -7.55 9.87
N VAL A 54 -8.97 -6.44 10.57
CA VAL A 54 -7.75 -5.94 11.19
C VAL A 54 -8.03 -5.34 12.56
N SER A 55 -7.07 -5.52 13.47
CA SER A 55 -7.07 -4.85 14.76
C SER A 55 -7.02 -3.33 14.52
N GLY A 56 -8.03 -2.59 14.98
CA GLY A 56 -8.11 -1.15 14.71
C GLY A 56 -8.57 -0.34 15.93
N TYR A 57 -9.01 0.90 15.65
CA TYR A 57 -9.35 1.89 16.66
C TYR A 57 -10.56 2.69 16.22
N ASP A 58 -11.45 3.05 17.16
CA ASP A 58 -12.47 4.02 16.79
C ASP A 58 -11.92 5.43 17.01
N GLU A 59 -12.80 6.42 16.90
CA GLU A 59 -12.44 7.84 17.05
C GLU A 59 -11.89 8.16 18.46
N ALA A 60 -12.32 7.41 19.45
CA ALA A 60 -11.86 7.63 20.82
C ALA A 60 -10.69 6.73 21.19
N MET A 61 -10.15 6.01 20.21
CA MET A 61 -9.04 5.06 20.39
C MET A 61 -9.41 3.89 21.32
N ASN A 62 -10.67 3.47 21.30
CA ASN A 62 -11.04 2.14 21.79
C ASN A 62 -10.49 1.10 20.83
N PRO A 63 -9.81 0.05 21.34
CA PRO A 63 -9.43 -1.04 20.41
C PRO A 63 -10.65 -1.84 19.98
N ILE A 64 -10.79 -2.05 18.67
CA ILE A 64 -11.96 -2.69 18.07
C ILE A 64 -11.55 -3.45 16.81
N ARG A 65 -12.44 -4.31 16.35
CA ARG A 65 -12.18 -5.08 15.14
C ARG A 65 -12.72 -4.26 14.00
N THR A 66 -11.91 -4.12 12.94
CA THR A 66 -12.32 -3.38 11.76
C THR A 66 -12.10 -4.21 10.51
N TYR A 67 -12.72 -3.81 9.40
CA TYR A 67 -12.52 -4.46 8.12
C TYR A 67 -12.03 -3.44 7.11
N GLN A 68 -11.12 -3.83 6.25
CA GLN A 68 -10.61 -2.91 5.27
C GLN A 68 -10.47 -3.63 3.95
N VAL A 69 -10.51 -2.86 2.88
CA VAL A 69 -10.28 -3.36 1.53
C VAL A 69 -9.64 -2.22 0.71
N CYS A 70 -8.64 -2.52 -0.11
CA CYS A 70 -8.01 -1.48 -0.91
C CYS A 70 -7.26 -2.06 -2.11
N ASN A 71 -7.97 -2.76 -2.98
CA ASN A 71 -7.37 -3.31 -4.17
C ASN A 71 -7.51 -2.32 -5.33
N VAL A 72 -7.03 -1.09 -5.15
CA VAL A 72 -7.28 0.00 -6.10
C VAL A 72 -6.51 -0.11 -7.43
N ARG A 73 -5.43 -0.87 -7.43
CA ARG A 73 -4.66 -1.03 -8.66
C ARG A 73 -4.98 -2.30 -9.42
N GLU A 74 -6.00 -3.03 -8.96
CA GLU A 74 -6.36 -4.25 -9.64
C GLU A 74 -7.70 -4.01 -10.33
N SER A 75 -7.90 -4.61 -11.49
CA SER A 75 -9.15 -4.43 -12.21
C SER A 75 -10.15 -5.49 -11.75
N SER A 76 -11.40 -5.30 -12.14
CA SER A 76 -12.43 -6.31 -11.95
C SER A 76 -12.70 -6.65 -10.47
N GLN A 77 -12.66 -5.66 -9.59
CA GLN A 77 -12.91 -5.88 -8.17
C GLN A 77 -14.40 -6.06 -7.89
N ASN A 78 -14.73 -7.12 -7.17
CA ASN A 78 -16.08 -7.37 -6.73
C ASN A 78 -15.97 -8.08 -5.38
N ASN A 79 -15.63 -7.31 -4.35
CA ASN A 79 -15.29 -7.86 -3.03
C ASN A 79 -16.45 -7.81 -2.06
N TRP A 80 -16.89 -8.99 -1.61
CA TRP A 80 -18.01 -9.06 -0.73
C TRP A 80 -17.58 -9.52 0.65
N LEU A 81 -18.37 -9.13 1.62
CA LEU A 81 -18.18 -9.42 3.00
C LEU A 81 -19.59 -9.65 3.60
N ARG A 82 -19.77 -10.74 4.35
CA ARG A 82 -21.07 -11.08 4.96
C ARG A 82 -20.85 -11.26 6.46
N THR A 83 -21.72 -10.65 7.25
CA THR A 83 -21.66 -10.73 8.70
C THR A 83 -22.18 -12.10 9.13
N GLY A 84 -22.10 -12.38 10.43
CA GLY A 84 -22.81 -13.51 11.05
C GLY A 84 -24.32 -13.28 10.98
N PHE A 85 -25.08 -14.29 11.37
CA PHE A 85 -26.51 -14.23 11.36
C PHE A 85 -26.97 -13.39 12.56
N ILE A 86 -27.93 -12.51 12.33
CA ILE A 86 -28.47 -11.63 13.39
C ILE A 86 -29.99 -11.92 13.57
N TRP A 87 -30.42 -12.33 14.77
CA TRP A 87 -31.87 -12.57 15.08
C TRP A 87 -32.60 -11.25 15.13
N ARG A 88 -33.75 -11.13 14.46
CA ARG A 88 -34.40 -9.85 14.35
C ARG A 88 -35.44 -9.64 15.46
N ARG A 89 -35.76 -10.69 16.22
CA ARG A 89 -36.82 -10.62 17.24
C ARG A 89 -38.18 -10.39 16.56
N ASP A 90 -38.85 -9.32 16.95
CA ASP A 90 -40.14 -8.98 16.33
C ASP A 90 -40.02 -7.65 15.56
N VAL A 91 -38.80 -7.28 15.19
CA VAL A 91 -38.52 -5.97 14.61
C VAL A 91 -38.89 -5.89 13.13
N GLN A 92 -39.66 -4.87 12.76
CA GLN A 92 -40.08 -4.67 11.40
C GLN A 92 -39.03 -3.95 10.56
N ARG A 93 -38.53 -2.82 11.07
CA ARG A 93 -37.50 -2.05 10.37
C ARG A 93 -36.20 -2.01 11.18
N VAL A 94 -35.11 -2.44 10.56
CA VAL A 94 -33.80 -2.40 11.20
C VAL A 94 -33.04 -1.21 10.66
N TYR A 95 -32.43 -0.46 11.57
CA TYR A 95 -31.50 0.63 11.23
C TYR A 95 -30.07 0.11 11.36
N VAL A 96 -29.18 0.65 10.53
CA VAL A 96 -27.76 0.20 10.52
C VAL A 96 -26.93 1.45 10.55
N GLU A 97 -26.07 1.56 11.55
CA GLU A 97 -25.16 2.67 11.67
C GLU A 97 -23.78 2.20 11.22
N LEU A 98 -23.23 2.86 10.22
CA LEU A 98 -21.90 2.54 9.71
C LEU A 98 -20.94 3.67 9.97
N LYS A 99 -19.74 3.32 10.42
CA LYS A 99 -18.68 4.31 10.57
C LYS A 99 -17.55 3.79 9.73
N PHE A 100 -16.97 4.69 8.92
CA PHE A 100 -16.05 4.26 7.89
C PHE A 100 -15.24 5.44 7.41
N THR A 101 -14.08 5.12 6.84
CA THR A 101 -13.21 6.12 6.24
C THR A 101 -12.90 5.69 4.82
N VAL A 102 -12.66 6.67 3.95
CA VAL A 102 -12.45 6.41 2.52
C VAL A 102 -11.28 7.28 2.05
N ARG A 103 -10.39 6.68 1.30
CA ARG A 103 -9.32 7.41 0.68
C ARG A 103 -9.80 8.06 -0.63
N ASP A 104 -9.58 9.36 -0.79
CA ASP A 104 -9.80 10.06 -2.07
C ASP A 104 -8.97 9.39 -3.17
N CYS A 105 -9.64 8.88 -4.20
CA CYS A 105 -8.96 8.27 -5.37
C CYS A 105 -7.86 9.13 -5.96
N ASN A 106 -8.10 10.43 -6.06
CA ASN A 106 -7.15 11.29 -6.70
C ASN A 106 -5.95 11.65 -5.83
N SER A 107 -5.95 11.22 -4.58
CA SER A 107 -4.79 11.37 -3.71
C SER A 107 -3.84 10.17 -3.83
N ILE A 108 -4.21 9.16 -4.61
CA ILE A 108 -3.38 7.97 -4.71
C ILE A 108 -2.54 8.05 -5.99
N PRO A 109 -1.19 8.02 -5.87
CA PRO A 109 -0.30 8.22 -7.04
C PRO A 109 -0.54 7.23 -8.20
N ASN A 110 -0.64 7.75 -9.42
CA ASN A 110 -0.79 6.95 -10.64
C ASN A 110 -1.93 5.93 -10.53
N ILE A 111 -3.08 6.40 -10.08
CA ILE A 111 -4.24 5.56 -9.88
C ILE A 111 -4.96 5.34 -11.22
N PRO A 112 -5.37 4.10 -11.55
CA PRO A 112 -6.24 3.91 -12.72
C PRO A 112 -7.61 4.56 -12.52
N GLY A 113 -8.25 4.93 -13.63
CA GLY A 113 -9.58 5.54 -13.61
C GLY A 113 -10.71 4.74 -12.99
N SER A 114 -10.53 3.43 -12.80
CA SER A 114 -11.55 2.57 -12.15
C SER A 114 -11.64 2.73 -10.61
N CYS A 115 -10.80 3.56 -10.00
CA CYS A 115 -10.84 3.68 -8.54
C CYS A 115 -12.23 4.20 -8.12
N LYS A 116 -12.78 3.64 -7.06
CA LYS A 116 -14.09 4.06 -6.56
C LYS A 116 -14.00 4.69 -5.17
N GLU A 117 -15.05 5.40 -4.77
CA GLU A 117 -15.12 5.93 -3.41
C GLU A 117 -16.42 5.58 -2.70
N THR A 118 -17.17 4.62 -3.21
CA THR A 118 -18.41 4.24 -2.52
C THR A 118 -18.34 2.75 -2.26
N PHE A 119 -19.24 2.26 -1.42
CA PHE A 119 -19.47 0.84 -1.28
C PHE A 119 -20.99 0.58 -1.15
N ASN A 120 -21.40 -0.65 -1.34
CA ASN A 120 -22.81 -1.00 -1.23
C ASN A 120 -23.12 -1.79 0.04
N LEU A 121 -24.29 -1.54 0.65
CA LEU A 121 -24.77 -2.26 1.83
C LEU A 121 -25.99 -3.12 1.41
N PHE A 122 -26.02 -4.38 1.82
CA PHE A 122 -27.12 -5.32 1.51
C PHE A 122 -27.58 -6.02 2.76
N TYR A 123 -28.73 -6.69 2.68
CA TYR A 123 -29.15 -7.60 3.74
C TYR A 123 -29.67 -8.90 3.12
N TYR A 124 -29.71 -9.96 3.92
CA TYR A 124 -30.23 -11.23 3.47
C TYR A 124 -31.01 -11.84 4.61
N GLU A 125 -32.32 -12.04 4.41
CA GLU A 125 -33.21 -12.58 5.45
C GLU A 125 -33.22 -14.07 5.35
N ALA A 126 -33.26 -14.73 6.51
CA ALA A 126 -33.31 -16.18 6.54
C ALA A 126 -34.00 -16.62 7.82
N ASP A 127 -34.62 -17.81 7.81
CA ASP A 127 -35.27 -18.30 9.03
C ASP A 127 -34.34 -19.02 9.98
N SER A 128 -33.09 -19.17 9.58
CA SER A 128 -32.05 -19.81 10.37
C SER A 128 -30.68 -19.46 9.77
N ASP A 129 -29.62 -19.84 10.47
CA ASP A 129 -28.26 -19.57 10.02
C ASP A 129 -27.89 -20.52 8.86
N VAL A 130 -28.50 -20.30 7.69
CA VAL A 130 -28.28 -21.16 6.51
C VAL A 130 -26.90 -21.00 5.87
N ALA A 131 -26.29 -19.81 6.00
CA ALA A 131 -25.02 -19.51 5.35
C ALA A 131 -23.87 -20.33 5.93
N SER A 132 -22.86 -20.52 5.10
CA SER A 132 -21.60 -21.11 5.58
C SER A 132 -20.42 -20.52 4.81
N ALA A 133 -19.33 -20.27 5.51
CA ALA A 133 -18.09 -19.81 4.88
C ALA A 133 -17.49 -20.87 3.94
N SER A 134 -17.93 -22.12 4.09
CA SER A 134 -17.51 -23.21 3.21
C SER A 134 -18.47 -23.43 2.03
N SER A 135 -19.70 -22.93 2.18
CA SER A 135 -20.71 -23.01 1.13
C SER A 135 -20.38 -21.96 0.08
N PRO A 136 -20.91 -22.11 -1.15
CA PRO A 136 -20.75 -20.98 -2.08
C PRO A 136 -21.39 -19.71 -1.53
N PHE A 137 -20.83 -18.55 -1.88
CA PHE A 137 -21.26 -17.29 -1.32
C PHE A 137 -22.69 -16.88 -1.75
N TRP A 138 -23.06 -17.20 -2.99
CA TRP A 138 -24.35 -16.74 -3.55
C TRP A 138 -25.44 -17.74 -3.21
N MET A 139 -26.55 -17.27 -2.66
CA MET A 139 -27.62 -18.17 -2.21
C MET A 139 -28.81 -18.05 -3.14
N GLU A 140 -29.82 -18.90 -2.91
CA GLU A 140 -31.01 -18.95 -3.79
C GLU A 140 -31.59 -17.57 -4.01
N ASN A 141 -31.72 -16.81 -2.93
CA ASN A 141 -32.34 -15.49 -2.97
C ASN A 141 -31.24 -14.44 -3.02
N PRO A 142 -31.53 -13.24 -3.59
CA PRO A 142 -30.51 -12.20 -3.61
C PRO A 142 -30.19 -11.58 -2.26
N TYR A 143 -28.97 -11.08 -2.15
CA TYR A 143 -28.65 -10.10 -1.14
C TYR A 143 -29.44 -8.89 -1.64
N VAL A 144 -30.21 -8.27 -0.76
CA VAL A 144 -31.07 -7.16 -1.17
C VAL A 144 -30.36 -5.87 -0.80
N LYS A 145 -30.29 -4.97 -1.75
CA LYS A 145 -29.60 -3.72 -1.57
C LYS A 145 -30.34 -2.81 -0.60
N VAL A 146 -29.59 -2.24 0.32
CA VAL A 146 -30.11 -1.19 1.20
C VAL A 146 -29.75 0.14 0.54
N ASP A 147 -28.47 0.33 0.21
CA ASP A 147 -28.01 1.57 -0.37
C ASP A 147 -26.57 1.54 -0.86
N THR A 148 -26.30 2.42 -1.80
CA THR A 148 -24.96 2.79 -2.17
C THR A 148 -24.55 3.83 -1.15
N ILE A 149 -23.46 3.60 -0.45
CA ILE A 149 -23.02 4.50 0.63
C ILE A 149 -21.83 5.29 0.14
N ALA A 150 -21.96 6.62 0.14
CA ALA A 150 -20.82 7.50 -0.13
C ALA A 150 -20.37 8.28 1.12
N PRO A 151 -19.09 8.62 1.19
CA PRO A 151 -18.57 9.45 2.25
C PRO A 151 -19.01 10.92 2.07
N ASP A 152 -19.19 11.64 3.18
CA ASP A 152 -19.17 13.09 3.16
C ASP A 152 -17.75 13.61 2.96
N GLU A 153 -16.78 12.91 3.57
CA GLU A 153 -15.36 13.33 3.56
C GLU A 153 -14.45 12.14 3.34
N SER A 154 -13.40 12.39 2.57
CA SER A 154 -12.44 11.39 2.19
C SER A 154 -11.06 11.92 2.51
N PHE A 155 -10.13 11.03 2.79
CA PHE A 155 -8.78 11.40 3.26
C PHE A 155 -7.96 11.58 2.04
N SER A 156 -7.33 12.74 1.94
CA SER A 156 -6.97 13.33 0.65
C SER A 156 -5.62 14.02 0.74
N ALA A 160 -7.71 15.38 4.00
CA ALA A 160 -7.58 14.69 5.28
C ALA A 160 -8.90 14.05 5.79
N GLY A 161 -9.95 14.85 5.95
CA GLY A 161 -11.28 14.33 6.32
C GLY A 161 -11.42 13.76 7.73
N ARG A 162 -12.60 13.25 8.03
CA ARG A 162 -12.93 12.71 9.36
C ARG A 162 -13.71 11.39 9.20
N VAL A 163 -13.80 10.54 10.24
CA VAL A 163 -14.66 9.36 10.19
C VAL A 163 -16.08 9.72 9.74
N ASN A 164 -16.63 8.95 8.79
CA ASN A 164 -18.01 9.17 8.33
C ASN A 164 -18.97 8.31 9.15
N THR A 165 -20.12 8.84 9.49
CA THR A 165 -21.15 8.06 10.19
C THR A 165 -22.41 8.19 9.36
N LYS A 166 -22.97 7.06 8.92
CA LYS A 166 -24.18 7.08 8.12
C LYS A 166 -25.18 6.05 8.64
N VAL A 167 -26.45 6.43 8.64
CA VAL A 167 -27.51 5.53 9.13
C VAL A 167 -28.47 5.23 7.98
N ARG A 168 -28.72 3.94 7.74
CA ARG A 168 -29.67 3.54 6.71
C ARG A 168 -30.59 2.53 7.33
N SER A 169 -31.72 2.22 6.71
CA SER A 169 -32.59 1.19 7.28
C SER A 169 -33.16 0.31 6.20
N PHE A 170 -33.75 -0.80 6.63
CA PHE A 170 -34.36 -1.74 5.72
C PHE A 170 -35.47 -2.49 6.41
N GLY A 171 -36.34 -3.06 5.59
CA GLY A 171 -37.53 -3.77 6.06
C GLY A 171 -38.67 -3.49 5.09
N PRO A 172 -39.86 -4.05 5.33
CA PRO A 172 -40.27 -4.81 6.51
C PRO A 172 -39.67 -6.21 6.48
N LEU A 173 -39.21 -6.68 7.63
CA LEU A 173 -38.68 -8.01 7.72
C LEU A 173 -39.79 -8.99 8.08
N SER A 174 -39.66 -10.23 7.62
CA SER A 174 -40.62 -11.27 8.00
C SER A 174 -39.98 -12.61 8.41
N LYS A 175 -38.67 -12.74 8.25
CA LYS A 175 -38.04 -14.01 8.64
C LYS A 175 -37.35 -13.84 9.97
N ALA A 176 -36.89 -14.94 10.56
CA ALA A 176 -36.37 -14.91 11.94
C ALA A 176 -35.12 -14.05 12.11
N GLY A 177 -34.36 -13.85 11.05
CA GLY A 177 -33.11 -13.10 11.20
C GLY A 177 -32.56 -12.67 9.87
N PHE A 178 -31.38 -12.06 9.88
CA PHE A 178 -30.80 -11.60 8.64
C PHE A 178 -29.28 -11.55 8.77
N TYR A 179 -28.63 -11.48 7.62
CA TYR A 179 -27.24 -11.12 7.53
C TYR A 179 -27.14 -9.73 6.92
N LEU A 180 -26.06 -9.02 7.21
CA LEU A 180 -25.71 -7.85 6.41
C LEU A 180 -24.54 -8.22 5.51
N ALA A 181 -24.32 -7.46 4.45
CA ALA A 181 -23.26 -7.76 3.50
C ALA A 181 -22.85 -6.46 2.85
N PHE A 182 -21.58 -6.40 2.46
CA PHE A 182 -20.97 -5.19 1.93
C PHE A 182 -20.28 -5.56 0.61
N GLN A 183 -20.43 -4.72 -0.39
CA GLN A 183 -19.75 -4.90 -1.66
C GLN A 183 -18.84 -3.73 -1.95
N ASP A 184 -17.58 -4.07 -2.19
CA ASP A 184 -16.59 -3.11 -2.67
C ASP A 184 -16.24 -3.46 -4.09
N GLN A 185 -16.06 -2.45 -4.95
CA GLN A 185 -15.67 -2.70 -6.33
C GLN A 185 -14.45 -1.86 -6.73
N GLY A 186 -13.55 -1.60 -5.79
CA GLY A 186 -12.30 -0.96 -6.17
C GLY A 186 -12.12 0.34 -5.42
N ALA A 187 -12.68 0.40 -4.21
CA ALA A 187 -12.41 1.51 -3.33
C ALA A 187 -11.27 1.22 -2.33
N CYS A 188 -10.84 2.23 -1.61
CA CYS A 188 -9.81 2.06 -0.62
C CYS A 188 -10.41 2.60 0.66
N MET A 189 -10.90 1.69 1.52
CA MET A 189 -11.71 2.13 2.65
C MET A 189 -11.57 1.25 3.87
N SER A 190 -12.11 1.74 4.98
CA SER A 190 -12.03 0.96 6.19
C SER A 190 -13.39 1.04 6.84
N LEU A 191 -13.95 -0.12 7.15
CA LEU A 191 -15.23 -0.20 7.84
C LEU A 191 -14.90 -0.30 9.31
N ILE A 192 -15.07 0.81 10.00
CA ILE A 192 -14.64 0.98 11.39
C ILE A 192 -15.61 0.31 12.34
N SER A 193 -16.91 0.46 12.10
CA SER A 193 -17.88 -0.27 12.91
C SER A 193 -19.23 -0.37 12.24
N VAL A 194 -19.99 -1.34 12.68
CA VAL A 194 -21.34 -1.57 12.18
C VAL A 194 -22.21 -1.88 13.38
N ARG A 195 -23.33 -1.17 13.49
CA ARG A 195 -24.30 -1.45 14.50
C ARG A 195 -25.69 -1.55 13.89
N ALA A 196 -26.32 -2.69 14.09
CA ALA A 196 -27.70 -2.87 13.67
C ALA A 196 -28.58 -2.68 14.89
N PHE A 197 -29.62 -1.86 14.74
CA PHE A 197 -30.45 -1.52 15.89
C PHE A 197 -31.91 -1.30 15.48
N TYR A 198 -32.80 -1.21 16.47
CA TYR A 198 -34.17 -0.82 16.16
C TYR A 198 -34.64 0.24 17.13
N LYS A 199 -35.65 1.01 16.69
CA LYS A 199 -36.18 2.12 17.44
C LYS A 199 -37.43 1.68 18.19
N LYS A 200 -37.48 1.98 19.47
CA LYS A 200 -38.58 1.55 20.33
C LYS A 200 -39.45 2.78 20.56
N GLU B 28 25.90 17.89 -26.54
CA GLU B 28 25.32 16.60 -26.01
C GLU B 28 26.29 15.68 -25.27
N GLU B 29 25.79 15.06 -24.20
CA GLU B 29 26.42 13.95 -23.50
C GLU B 29 25.31 12.98 -23.06
N THR B 30 25.55 11.70 -23.27
CA THR B 30 24.63 10.66 -22.92
C THR B 30 24.76 10.24 -21.45
N LEU B 31 23.63 10.13 -20.77
CA LEU B 31 23.60 9.62 -19.40
C LEU B 31 23.35 8.11 -19.40
N MET B 32 22.49 7.65 -20.30
CA MET B 32 22.29 6.21 -20.52
C MET B 32 21.69 5.96 -21.88
N ASP B 33 22.09 4.85 -22.45
CA ASP B 33 21.59 4.42 -23.73
C ASP B 33 21.43 2.93 -23.64
N THR B 34 20.22 2.45 -23.91
CA THR B 34 19.95 1.03 -23.90
C THR B 34 20.79 0.32 -24.95
N LYS B 35 21.13 1.01 -26.02
CA LYS B 35 21.90 0.42 -27.12
C LYS B 35 23.31 0.03 -26.71
N TRP B 36 23.78 0.57 -25.60
CA TRP B 36 25.10 0.25 -25.08
C TRP B 36 25.20 -1.16 -24.49
N VAL B 37 24.07 -1.72 -24.09
CA VAL B 37 24.00 -2.92 -23.28
C VAL B 37 24.12 -4.20 -24.11
N THR B 38 25.01 -5.10 -23.70
CA THR B 38 25.18 -6.35 -24.45
C THR B 38 24.73 -7.59 -23.70
N SER B 39 24.50 -7.46 -22.40
CA SER B 39 23.94 -8.60 -21.65
C SER B 39 22.42 -8.48 -21.54
N GLU B 40 21.92 -7.77 -20.53
CA GLU B 40 20.48 -7.48 -20.41
C GLU B 40 20.18 -6.19 -19.66
N LEU B 41 19.05 -5.55 -20.01
CA LEU B 41 18.64 -4.32 -19.34
C LEU B 41 18.14 -4.67 -17.93
N ALA B 42 17.40 -5.78 -17.83
CA ALA B 42 16.86 -6.24 -16.53
C ALA B 42 16.07 -5.12 -15.84
N TRP B 43 15.25 -4.41 -16.62
CA TRP B 43 14.39 -3.37 -16.06
C TRP B 43 13.23 -4.03 -15.32
N THR B 44 12.39 -3.23 -14.68
CA THR B 44 11.36 -3.82 -13.83
C THR B 44 10.00 -3.72 -14.53
N SER B 45 9.38 -4.87 -14.78
CA SER B 45 8.04 -4.91 -15.40
C SER B 45 6.97 -5.16 -14.38
N HIS B 46 5.94 -4.33 -14.37
CA HIS B 46 4.83 -4.55 -13.47
C HIS B 46 3.50 -4.37 -14.22
N PRO B 47 2.76 -5.47 -14.45
CA PRO B 47 3.05 -6.87 -14.08
C PRO B 47 4.03 -7.49 -15.07
N GLU B 48 4.54 -8.67 -14.76
CA GLU B 48 5.49 -9.38 -15.63
C GLU B 48 4.88 -9.87 -16.93
N SER B 49 3.58 -10.14 -16.88
CA SER B 49 2.78 -10.46 -18.04
C SER B 49 2.65 -9.28 -19.03
N GLY B 50 3.16 -8.09 -18.68
CA GLY B 50 3.07 -6.94 -19.59
C GLY B 50 4.33 -6.75 -20.44
N TRP B 51 5.11 -5.73 -20.12
CA TRP B 51 6.37 -5.48 -20.86
C TRP B 51 7.37 -6.62 -20.65
N GLU B 52 8.03 -7.06 -21.73
CA GLU B 52 9.07 -8.06 -21.59
C GLU B 52 10.28 -7.72 -22.47
N GLU B 53 11.46 -8.07 -21.98
CA GLU B 53 12.71 -7.75 -22.64
C GLU B 53 12.96 -8.83 -23.67
N VAL B 54 13.32 -8.44 -24.87
CA VAL B 54 13.66 -9.42 -25.88
C VAL B 54 14.90 -8.98 -26.63
N SER B 55 15.65 -9.98 -27.10
CA SER B 55 16.77 -9.80 -27.95
C SER B 55 16.22 -9.32 -29.29
N GLY B 56 16.65 -8.15 -29.74
CA GLY B 56 16.13 -7.59 -30.99
C GLY B 56 17.14 -6.82 -31.78
N TYR B 57 16.64 -5.93 -32.65
CA TYR B 57 17.45 -5.27 -33.67
C TYR B 57 16.95 -3.86 -33.91
N ASP B 58 17.86 -2.94 -34.23
CA ASP B 58 17.44 -1.60 -34.55
C ASP B 58 17.22 -1.49 -36.05
N GLU B 59 16.98 -0.29 -36.57
CA GLU B 59 16.71 -0.14 -38.02
C GLU B 59 17.89 -0.58 -38.87
N ALA B 60 19.07 -0.54 -38.27
CA ALA B 60 20.31 -0.84 -38.98
C ALA B 60 20.69 -2.32 -38.88
N MET B 61 19.83 -3.11 -38.23
CA MET B 61 20.13 -4.50 -37.81
C MET B 61 21.34 -4.68 -36.83
N ASN B 62 21.61 -3.68 -35.99
CA ASN B 62 22.50 -3.87 -34.83
C ASN B 62 21.76 -4.70 -33.80
N PRO B 63 22.41 -5.75 -33.25
CA PRO B 63 21.76 -6.49 -32.16
C PRO B 63 21.73 -5.64 -30.90
N ILE B 64 20.55 -5.51 -30.29
CA ILE B 64 20.32 -4.66 -29.12
C ILE B 64 19.23 -5.27 -28.21
N ARG B 65 19.20 -4.83 -26.94
CA ARG B 65 18.15 -5.23 -26.00
C ARG B 65 16.93 -4.32 -26.24
N THR B 66 15.73 -4.92 -26.39
CA THR B 66 14.48 -4.18 -26.68
C THR B 66 13.39 -4.61 -25.66
N TYR B 67 12.32 -3.79 -25.54
CA TYR B 67 11.16 -4.14 -24.72
C TYR B 67 9.94 -4.15 -25.61
N GLN B 68 9.04 -5.09 -25.38
CA GLN B 68 7.86 -5.14 -26.21
C GLN B 68 6.70 -5.40 -25.30
N VAL B 69 5.52 -5.01 -25.77
CA VAL B 69 4.28 -5.30 -25.08
C VAL B 69 3.18 -5.39 -26.12
N CYS B 70 2.34 -6.42 -26.01
CA CYS B 70 1.25 -6.57 -26.99
C CYS B 70 0.16 -7.48 -26.45
N ASN B 71 -0.45 -7.07 -25.33
CA ASN B 71 -1.64 -7.76 -24.82
C ASN B 71 -2.88 -7.08 -25.38
N VAL B 72 -2.82 -6.86 -26.68
CA VAL B 72 -3.76 -5.99 -27.39
C VAL B 72 -5.22 -6.46 -27.41
N ARG B 73 -5.49 -7.74 -27.15
CA ARG B 73 -6.87 -8.22 -27.09
C ARG B 73 -7.36 -8.51 -25.65
N GLU B 74 -6.54 -8.16 -24.67
CA GLU B 74 -6.91 -8.37 -23.26
C GLU B 74 -7.50 -7.08 -22.71
N SER B 75 -8.33 -7.21 -21.70
CA SER B 75 -9.01 -6.06 -21.15
C SER B 75 -8.23 -5.47 -19.98
N SER B 76 -8.54 -4.22 -19.65
CA SER B 76 -7.96 -3.50 -18.49
C SER B 76 -6.44 -3.60 -18.43
N GLN B 77 -5.77 -3.29 -19.54
CA GLN B 77 -4.32 -3.38 -19.57
C GLN B 77 -3.73 -2.16 -18.92
N ASN B 78 -2.80 -2.36 -18.00
CA ASN B 78 -2.14 -1.26 -17.33
C ASN B 78 -0.74 -1.75 -17.04
N ASN B 79 0.10 -1.75 -18.07
CA ASN B 79 1.41 -2.37 -17.97
C ASN B 79 2.49 -1.34 -17.83
N TRP B 80 3.25 -1.45 -16.75
CA TRP B 80 4.28 -0.49 -16.46
C TRP B 80 5.65 -1.11 -16.57
N LEU B 81 6.63 -0.24 -16.81
CA LEU B 81 8.04 -0.63 -16.94
C LEU B 81 8.90 0.48 -16.34
N ARG B 82 9.88 0.12 -15.50
CA ARG B 82 10.80 1.10 -14.92
C ARG B 82 12.25 0.72 -15.21
N THR B 83 13.05 1.72 -15.58
CA THR B 83 14.45 1.54 -15.91
C THR B 83 15.21 1.38 -14.63
N GLY B 84 16.52 1.17 -14.74
CA GLY B 84 17.39 1.30 -13.57
C GLY B 84 17.61 2.76 -13.22
N PHE B 85 18.29 3.00 -12.11
CA PHE B 85 18.60 4.34 -11.67
C PHE B 85 19.60 5.04 -12.61
N ILE B 86 19.38 6.33 -12.86
CA ILE B 86 20.31 7.10 -13.68
C ILE B 86 20.81 8.33 -12.91
N TRP B 87 22.13 8.40 -12.67
CA TRP B 87 22.72 9.56 -12.02
C TRP B 87 22.64 10.75 -12.96
N ARG B 88 22.17 11.88 -12.47
CA ARG B 88 22.01 13.02 -13.37
C ARG B 88 23.23 13.96 -13.39
N ARG B 89 24.16 13.73 -12.47
CA ARG B 89 25.31 14.63 -12.26
C ARG B 89 24.81 16.00 -11.77
N ASP B 90 25.04 17.04 -12.55
CA ASP B 90 24.52 18.37 -12.19
C ASP B 90 23.56 18.92 -13.25
N VAL B 91 23.29 18.09 -14.27
CA VAL B 91 22.31 18.38 -15.32
C VAL B 91 20.98 18.89 -14.75
N GLN B 92 20.56 20.06 -15.21
CA GLN B 92 19.26 20.61 -14.85
C GLN B 92 18.16 19.87 -15.62
N ARG B 93 18.27 19.89 -16.94
CA ARG B 93 17.24 19.40 -17.82
C ARG B 93 17.74 18.17 -18.57
N VAL B 94 16.97 17.08 -18.51
CA VAL B 94 17.32 15.80 -19.13
C VAL B 94 16.40 15.54 -20.31
N TYR B 95 17.01 15.22 -21.46
CA TYR B 95 16.27 14.88 -22.66
C TYR B 95 16.20 13.36 -22.82
N VAL B 96 15.09 12.88 -23.37
CA VAL B 96 14.88 11.43 -23.58
C VAL B 96 14.57 11.20 -25.05
N GLU B 97 15.41 10.41 -25.70
CA GLU B 97 15.14 9.93 -27.04
C GLU B 97 14.54 8.53 -27.03
N LEU B 98 13.37 8.41 -27.63
CA LEU B 98 12.72 7.10 -27.74
C LEU B 98 12.61 6.69 -29.20
N LYS B 99 12.98 5.43 -29.47
CA LYS B 99 12.75 4.80 -30.78
C LYS B 99 11.86 3.64 -30.52
N PHE B 100 10.84 3.50 -31.34
CA PHE B 100 9.74 2.53 -31.08
C PHE B 100 8.94 2.25 -32.34
N THR B 101 8.32 1.08 -32.40
CA THR B 101 7.42 0.74 -33.50
C THR B 101 6.08 0.43 -32.88
N VAL B 102 5.01 0.66 -33.61
CA VAL B 102 3.67 0.42 -33.08
C VAL B 102 2.87 -0.27 -34.19
N ARG B 103 2.16 -1.35 -33.86
CA ARG B 103 1.22 -1.93 -34.85
C ARG B 103 -0.07 -1.12 -34.82
N ASP B 104 -0.57 -0.71 -35.97
CA ASP B 104 -1.84 0.01 -35.90
C ASP B 104 -3.04 -0.92 -35.65
N CYS B 105 -3.98 -0.46 -34.83
CA CYS B 105 -5.15 -1.24 -34.49
C CYS B 105 -5.93 -1.73 -35.69
N ASN B 106 -6.02 -0.90 -36.74
CA ASN B 106 -6.74 -1.26 -37.97
C ASN B 106 -6.18 -2.55 -38.60
N SER B 107 -4.90 -2.82 -38.38
CA SER B 107 -4.24 -3.98 -38.99
C SER B 107 -4.27 -5.26 -38.10
N ILE B 108 -4.84 -5.17 -36.91
CA ILE B 108 -4.98 -6.37 -36.08
C ILE B 108 -6.47 -6.82 -36.10
N PRO B 109 -6.76 -8.06 -36.50
CA PRO B 109 -8.16 -8.48 -36.54
C PRO B 109 -8.80 -8.74 -35.17
N ASN B 110 -10.11 -8.50 -35.07
CA ASN B 110 -10.85 -8.76 -33.82
C ASN B 110 -10.12 -8.24 -32.59
N ILE B 111 -9.95 -6.93 -32.51
CA ILE B 111 -9.46 -6.32 -31.29
C ILE B 111 -10.61 -5.64 -30.55
N PRO B 112 -10.48 -5.48 -29.23
CA PRO B 112 -11.52 -4.75 -28.46
C PRO B 112 -11.48 -3.23 -28.75
N GLY B 113 -12.58 -2.54 -28.39
CA GLY B 113 -12.63 -1.09 -28.52
C GLY B 113 -11.52 -0.35 -27.75
N SER B 114 -10.80 -1.06 -26.88
CA SER B 114 -9.78 -0.41 -26.04
C SER B 114 -8.37 -0.35 -26.67
N CYS B 115 -8.24 -0.74 -27.94
CA CYS B 115 -6.92 -0.84 -28.56
C CYS B 115 -6.24 0.55 -28.56
N LYS B 116 -4.95 0.61 -28.23
CA LYS B 116 -4.21 1.89 -28.18
C LYS B 116 -3.12 1.95 -29.26
N GLU B 117 -2.69 3.15 -29.66
CA GLU B 117 -1.50 3.30 -30.49
C GLU B 117 -0.49 4.30 -29.91
N THR B 118 -0.63 4.59 -28.61
CA THR B 118 0.31 5.44 -27.86
C THR B 118 0.77 4.72 -26.60
N PHE B 119 1.85 5.23 -25.98
CA PHE B 119 2.22 4.83 -24.63
C PHE B 119 2.63 6.09 -23.85
N ASN B 120 2.74 5.98 -22.53
CA ASN B 120 3.08 7.16 -21.73
C ASN B 120 4.48 7.05 -21.20
N LEU B 121 5.19 8.17 -21.17
CA LEU B 121 6.53 8.27 -20.57
C LEU B 121 6.53 9.05 -19.25
N PHE B 122 7.23 8.52 -18.24
CA PHE B 122 7.25 9.10 -16.90
C PHE B 122 8.68 9.19 -16.40
N TYR B 123 8.91 10.00 -15.37
CA TYR B 123 10.17 9.96 -14.63
C TYR B 123 9.89 9.99 -13.15
N TYR B 124 10.90 9.63 -12.37
CA TYR B 124 10.83 9.66 -10.93
C TYR B 124 12.19 10.07 -10.40
N GLU B 125 12.23 11.22 -9.71
CA GLU B 125 13.48 11.73 -9.16
C GLU B 125 13.75 11.07 -7.82
N ALA B 126 15.00 10.77 -7.53
CA ALA B 126 15.34 10.15 -6.27
C ALA B 126 16.77 10.48 -5.90
N ASP B 127 17.03 10.46 -4.59
CA ASP B 127 18.36 10.75 -4.08
C ASP B 127 19.29 9.56 -4.23
N SER B 128 18.72 8.36 -4.26
CA SER B 128 19.52 7.15 -4.46
C SER B 128 18.69 6.10 -5.15
N ASP B 129 19.33 4.99 -5.52
CA ASP B 129 18.65 3.83 -6.10
C ASP B 129 17.93 3.06 -5.00
N VAL B 130 16.72 3.49 -4.67
CA VAL B 130 15.94 2.93 -3.57
C VAL B 130 15.02 1.78 -3.98
N ALA B 131 14.81 1.62 -5.29
CA ALA B 131 14.02 0.51 -5.81
C ALA B 131 14.85 -0.76 -5.77
N SER B 132 14.37 -1.77 -5.05
CA SER B 132 15.06 -3.06 -4.97
C SER B 132 14.22 -4.12 -5.62
N ALA B 133 14.78 -5.33 -5.73
CA ALA B 133 14.08 -6.44 -6.39
C ALA B 133 12.73 -6.74 -5.71
N SER B 134 12.72 -6.81 -4.38
CA SER B 134 11.50 -7.11 -3.63
C SER B 134 10.66 -5.87 -3.27
N SER B 135 11.02 -4.69 -3.78
CA SER B 135 10.30 -3.47 -3.44
C SER B 135 9.00 -3.41 -4.24
N PRO B 136 7.90 -2.93 -3.62
CA PRO B 136 6.65 -2.73 -4.37
C PRO B 136 6.93 -1.74 -5.50
N PHE B 137 6.18 -1.84 -6.59
CA PHE B 137 6.44 -1.01 -7.76
C PHE B 137 6.14 0.49 -7.53
N TRP B 138 5.11 0.78 -6.74
CA TRP B 138 4.65 2.14 -6.56
C TRP B 138 5.41 2.82 -5.43
N MET B 139 5.71 4.08 -5.63
CA MET B 139 6.43 4.80 -4.59
C MET B 139 5.61 5.91 -3.99
N GLU B 140 6.12 6.39 -2.86
CA GLU B 140 5.52 7.44 -2.02
C GLU B 140 5.18 8.67 -2.84
N ASN B 141 6.06 9.01 -3.77
CA ASN B 141 5.81 10.08 -4.70
C ASN B 141 5.36 9.43 -6.00
N PRO B 142 4.51 10.13 -6.79
CA PRO B 142 4.03 9.58 -8.04
C PRO B 142 5.13 9.53 -9.10
N TYR B 143 4.98 8.63 -10.07
CA TYR B 143 5.70 8.74 -11.33
C TYR B 143 5.08 9.94 -12.02
N VAL B 144 5.93 10.88 -12.45
CA VAL B 144 5.47 12.13 -13.04
C VAL B 144 5.46 11.98 -14.54
N LYS B 145 4.33 12.29 -15.16
CA LYS B 145 4.17 12.08 -16.58
C LYS B 145 4.96 13.13 -17.36
N VAL B 146 5.73 12.68 -18.33
CA VAL B 146 6.44 13.60 -19.23
C VAL B 146 5.51 13.88 -20.44
N ASP B 147 5.06 12.82 -21.12
CA ASP B 147 4.14 12.98 -22.27
C ASP B 147 3.48 11.67 -22.67
N THR B 148 2.38 11.82 -23.41
CA THR B 148 1.83 10.76 -24.21
C THR B 148 2.71 10.68 -25.46
N ILE B 149 3.22 9.51 -25.78
CA ILE B 149 4.08 9.36 -26.92
C ILE B 149 3.29 8.69 -28.05
N ALA B 150 3.22 9.35 -29.19
CA ALA B 150 2.52 8.83 -30.34
C ALA B 150 3.49 8.64 -31.50
N PRO B 151 3.27 7.61 -32.35
CA PRO B 151 4.06 7.46 -33.58
C PRO B 151 3.69 8.57 -34.57
N ASP B 152 4.58 8.89 -35.50
CA ASP B 152 4.30 9.85 -36.56
C ASP B 152 3.02 9.56 -37.35
N GLU B 153 2.22 10.60 -37.53
CA GLU B 153 1.03 10.57 -38.39
C GLU B 153 1.43 10.36 -39.87
N ARG B 162 8.41 0.40 -39.29
CA ARG B 162 9.05 1.71 -39.44
C ARG B 162 9.31 2.33 -38.06
N VAL B 163 10.58 2.64 -37.77
CA VAL B 163 10.95 3.13 -36.45
C VAL B 163 10.59 4.61 -36.31
N ASN B 164 9.81 4.92 -35.28
CA ASN B 164 9.49 6.29 -34.90
C ASN B 164 10.49 6.77 -33.89
N THR B 165 10.85 8.06 -33.97
CA THR B 165 11.75 8.73 -33.02
C THR B 165 11.05 9.93 -32.40
N LYS B 166 11.03 10.00 -31.08
CA LYS B 166 10.52 11.18 -30.39
C LYS B 166 11.49 11.60 -29.31
N VAL B 167 11.67 12.91 -29.16
CA VAL B 167 12.49 13.46 -28.08
C VAL B 167 11.63 14.30 -27.15
N ARG B 168 11.71 14.03 -25.85
CA ARG B 168 11.03 14.86 -24.83
C ARG B 168 12.00 15.19 -23.72
N SER B 169 11.70 16.19 -22.91
CA SER B 169 12.55 16.50 -21.76
C SER B 169 11.75 16.78 -20.49
N PHE B 170 12.47 16.79 -19.37
CA PHE B 170 11.90 17.11 -18.07
C PHE B 170 12.93 17.81 -17.19
N GLY B 171 12.43 18.57 -16.22
CA GLY B 171 13.26 19.34 -15.30
C GLY B 171 12.41 20.42 -14.63
N PRO B 172 13.01 21.19 -13.70
CA PRO B 172 14.39 21.07 -13.25
C PRO B 172 14.58 19.93 -12.24
N LEU B 173 15.69 19.21 -12.38
CA LEU B 173 16.00 18.10 -11.50
C LEU B 173 16.74 18.62 -10.28
N SER B 174 16.21 18.34 -9.10
CA SER B 174 16.86 18.79 -7.86
C SER B 174 17.67 17.66 -7.24
N LYS B 175 17.21 16.42 -7.42
CA LYS B 175 17.80 15.28 -6.72
C LYS B 175 18.91 14.62 -7.51
N ALA B 176 19.55 13.61 -6.90
CA ALA B 176 20.77 12.99 -7.44
C ALA B 176 20.63 12.22 -8.76
N GLY B 177 19.44 11.68 -9.01
CA GLY B 177 19.19 10.98 -10.27
C GLY B 177 17.71 10.65 -10.45
N PHE B 178 17.40 9.75 -11.38
CA PHE B 178 16.01 9.49 -11.73
C PHE B 178 15.84 8.12 -12.34
N TYR B 179 14.59 7.64 -12.34
CA TYR B 179 14.22 6.52 -13.15
C TYR B 179 13.33 7.03 -14.26
N LEU B 180 13.29 6.30 -15.36
CA LEU B 180 12.29 6.58 -16.37
C LEU B 180 11.29 5.47 -16.23
N ALA B 181 10.05 5.72 -16.65
CA ALA B 181 8.99 4.70 -16.56
C ALA B 181 8.08 4.76 -17.78
N PHE B 182 7.52 3.62 -18.16
CA PHE B 182 6.69 3.57 -19.34
C PHE B 182 5.38 2.90 -18.97
N GLN B 183 4.28 3.47 -19.46
CA GLN B 183 3.00 2.83 -19.26
C GLN B 183 2.34 2.51 -20.58
N ASP B 184 1.92 1.23 -20.71
CA ASP B 184 1.09 0.74 -21.82
C ASP B 184 -0.30 0.40 -21.35
N GLN B 185 -1.30 0.83 -22.10
CA GLN B 185 -2.69 0.50 -21.76
C GLN B 185 -3.42 -0.28 -22.86
N GLY B 186 -2.68 -1.06 -23.63
CA GLY B 186 -3.31 -1.89 -24.64
C GLY B 186 -2.86 -1.66 -26.07
N ALA B 187 -1.61 -1.23 -26.22
CA ALA B 187 -1.00 -1.07 -27.51
C ALA B 187 -0.30 -2.36 -27.91
N CYS B 188 0.19 -2.43 -29.13
CA CYS B 188 1.01 -3.55 -29.56
C CYS B 188 2.26 -2.89 -30.08
N MET B 189 3.33 -2.94 -29.31
CA MET B 189 4.45 -2.09 -29.66
C MET B 189 5.80 -2.64 -29.19
N SER B 190 6.89 -2.13 -29.77
CA SER B 190 8.24 -2.39 -29.29
C SER B 190 8.95 -1.09 -29.05
N LEU B 191 9.53 -1.02 -27.87
CA LEU B 191 10.44 0.04 -27.51
C LEU B 191 11.83 -0.42 -27.93
N ILE B 192 12.32 0.16 -29.01
CA ILE B 192 13.58 -0.23 -29.65
C ILE B 192 14.78 0.30 -28.87
N SER B 193 14.72 1.56 -28.45
CA SER B 193 15.76 2.08 -27.61
C SER B 193 15.31 3.31 -26.83
N VAL B 194 16.03 3.55 -25.74
CA VAL B 194 15.86 4.72 -24.87
C VAL B 194 17.26 5.28 -24.61
N ARG B 195 17.38 6.59 -24.82
CA ARG B 195 18.63 7.30 -24.62
C ARG B 195 18.29 8.58 -23.83
N ALA B 196 18.88 8.72 -22.64
CA ALA B 196 18.72 9.94 -21.85
C ALA B 196 20.02 10.71 -21.99
N PHE B 197 19.92 12.01 -22.23
CA PHE B 197 21.09 12.82 -22.51
C PHE B 197 20.83 14.26 -22.10
N TYR B 198 21.91 15.06 -22.06
CA TYR B 198 21.80 16.49 -21.81
C TYR B 198 22.55 17.27 -22.87
N LYS B 199 22.44 18.60 -22.82
CA LYS B 199 22.98 19.47 -23.88
C LYS B 199 24.13 20.35 -23.41
N GLU C 28 24.17 4.52 -2.41
CA GLU C 28 23.41 3.86 -1.31
C GLU C 28 23.04 2.41 -1.60
N GLU C 29 23.16 1.57 -0.58
CA GLU C 29 22.65 0.21 -0.62
C GLU C 29 21.75 0.01 0.60
N THR C 30 20.65 -0.69 0.39
CA THR C 30 19.72 -1.00 1.44
C THR C 30 20.03 -2.38 2.04
N LEU C 31 20.20 -2.41 3.36
CA LEU C 31 20.48 -3.63 4.08
C LEU C 31 19.22 -4.36 4.45
N MET C 32 18.13 -3.62 4.66
CA MET C 32 16.87 -4.19 5.14
C MET C 32 15.77 -3.20 4.87
N ASP C 33 14.64 -3.70 4.39
CA ASP C 33 13.48 -2.86 4.18
C ASP C 33 12.25 -3.69 4.53
N THR C 34 11.44 -3.23 5.48
CA THR C 34 10.18 -3.90 5.80
C THR C 34 9.24 -4.05 4.60
N LYS C 35 9.25 -3.09 3.69
CA LYS C 35 8.41 -3.12 2.47
C LYS C 35 8.70 -4.26 1.50
N TRP C 36 9.85 -4.90 1.70
CA TRP C 36 10.18 -6.12 0.94
C TRP C 36 9.33 -7.30 1.34
N VAL C 37 8.71 -7.24 2.52
CA VAL C 37 8.08 -8.41 3.11
C VAL C 37 6.61 -8.51 2.69
N THR C 38 6.26 -9.67 2.18
CA THR C 38 4.90 -9.91 1.73
C THR C 38 4.13 -10.83 2.67
N SER C 39 4.86 -11.56 3.51
CA SER C 39 4.25 -12.51 4.44
C SER C 39 3.99 -11.78 5.76
N GLU C 40 4.96 -11.83 6.66
CA GLU C 40 4.88 -11.10 7.90
C GLU C 40 6.29 -10.84 8.42
N LEU C 41 6.42 -9.81 9.26
CA LEU C 41 7.69 -9.44 9.84
C LEU C 41 8.06 -10.39 10.95
N ALA C 42 7.10 -10.73 11.80
CA ALA C 42 7.39 -11.65 12.91
C ALA C 42 8.60 -11.14 13.69
N TRP C 43 8.49 -9.90 14.16
CA TRP C 43 9.50 -9.31 15.00
C TRP C 43 9.12 -9.69 16.44
N THR C 44 9.94 -9.32 17.43
CA THR C 44 9.64 -9.72 18.80
C THR C 44 9.04 -8.54 19.51
N SER C 45 7.85 -8.72 20.08
CA SER C 45 7.21 -7.66 20.84
C SER C 45 7.29 -8.02 22.30
N HIS C 46 7.73 -7.10 23.13
CA HIS C 46 7.79 -7.38 24.56
C HIS C 46 7.25 -6.16 25.28
N PRO C 47 6.08 -6.28 25.94
CA PRO C 47 5.26 -7.52 26.00
C PRO C 47 4.39 -7.63 24.73
N GLU C 48 3.67 -8.74 24.62
CA GLU C 48 2.82 -9.03 23.43
C GLU C 48 1.65 -8.05 23.30
N SER C 49 1.21 -7.51 24.43
CA SER C 49 0.08 -6.58 24.47
C SER C 49 0.48 -5.17 24.06
N GLY C 50 1.74 -4.97 23.70
CA GLY C 50 2.23 -3.67 23.26
C GLY C 50 2.18 -3.52 21.75
N TRP C 51 3.36 -3.52 21.12
CA TRP C 51 3.46 -3.48 19.67
C TRP C 51 2.80 -4.71 18.99
N GLU C 52 1.93 -4.45 18.00
CA GLU C 52 1.34 -5.54 17.23
C GLU C 52 1.48 -5.31 15.74
N GLU C 53 1.73 -6.40 15.03
CA GLU C 53 1.87 -6.36 13.59
C GLU C 53 0.49 -6.31 12.98
N VAL C 54 0.31 -5.46 11.97
CA VAL C 54 -0.98 -5.36 11.31
C VAL C 54 -0.72 -5.11 9.83
N SER C 55 -1.56 -5.72 9.03
CA SER C 55 -1.67 -5.44 7.62
C SER C 55 -1.98 -3.94 7.41
N GLY C 56 -1.06 -3.20 6.80
CA GLY C 56 -1.28 -1.77 6.55
C GLY C 56 -0.93 -1.33 5.13
N TYR C 57 -0.76 -0.02 4.97
CA TYR C 57 -0.49 0.57 3.66
C TYR C 57 0.59 1.63 3.76
N ASP C 58 1.35 1.82 2.69
CA ASP C 58 2.23 2.98 2.67
C ASP C 58 1.49 4.09 1.91
N GLU C 59 2.19 5.19 1.66
CA GLU C 59 1.64 6.37 0.96
C GLU C 59 1.07 6.02 -0.41
N ALA C 60 1.65 5.00 -1.07
CA ALA C 60 1.24 4.61 -2.42
C ALA C 60 0.08 3.60 -2.39
N MET C 61 -0.34 3.26 -1.17
CA MET C 61 -1.33 2.22 -0.87
C MET C 61 -0.85 0.80 -1.22
N ASN C 62 0.46 0.59 -1.29
CA ASN C 62 1.02 -0.76 -1.31
C ASN C 62 0.62 -1.49 -0.03
N PRO C 63 0.11 -2.73 -0.13
CA PRO C 63 -0.12 -3.49 1.11
C PRO C 63 1.22 -3.87 1.78
N ILE C 64 1.42 -3.46 3.02
CA ILE C 64 2.70 -3.72 3.67
C ILE C 64 2.45 -4.13 5.11
N ARG C 65 3.48 -4.71 5.74
CA ARG C 65 3.45 -5.01 7.16
C ARG C 65 3.82 -3.80 7.99
N THR C 66 2.93 -3.41 8.90
CA THR C 66 3.24 -2.30 9.80
C THR C 66 3.19 -2.76 11.25
N TYR C 67 3.73 -1.94 12.14
CA TYR C 67 3.56 -2.17 13.56
C TYR C 67 2.80 -1.01 14.22
N GLN C 68 1.84 -1.33 15.07
CA GLN C 68 1.13 -0.28 15.75
C GLN C 68 1.13 -0.49 17.27
N VAL C 69 1.02 0.60 18.02
CA VAL C 69 0.91 0.51 19.49
C VAL C 69 0.08 1.72 19.96
N CYS C 70 -0.84 1.48 20.88
CA CYS C 70 -1.68 2.58 21.35
C CYS C 70 -2.37 2.16 22.62
N ASN C 71 -1.59 1.91 23.67
CA ASN C 71 -2.14 1.59 24.99
C ASN C 71 -2.22 2.88 25.80
N VAL C 72 -2.85 3.88 25.22
CA VAL C 72 -2.68 5.25 25.68
C VAL C 72 -3.41 5.56 26.99
N ARG C 73 -4.44 4.79 27.33
CA ARG C 73 -5.12 5.00 28.59
C ARG C 73 -4.57 4.14 29.72
N GLU C 74 -3.60 3.29 29.42
CA GLU C 74 -2.93 2.49 30.45
C GLU C 74 -1.69 3.19 31.01
N SER C 75 -1.42 2.97 32.30
CA SER C 75 -0.23 3.54 32.93
C SER C 75 1.03 2.68 32.69
N SER C 76 2.22 3.26 32.96
CA SER C 76 3.49 2.51 32.98
C SER C 76 3.73 1.65 31.71
N GLN C 77 3.45 2.25 30.57
CA GLN C 77 3.74 1.61 29.28
C GLN C 77 5.24 1.56 29.03
N ASN C 78 5.72 0.38 28.65
CA ASN C 78 7.10 0.19 28.34
C ASN C 78 7.17 -0.95 27.34
N ASN C 79 6.83 -0.61 26.09
CA ASN C 79 6.56 -1.57 25.04
C ASN C 79 7.72 -1.58 24.05
N TRP C 80 8.38 -2.73 23.95
CA TRP C 80 9.53 -2.87 23.09
C TRP C 80 9.25 -3.77 21.92
N LEU C 81 10.04 -3.53 20.88
CA LEU C 81 9.98 -4.25 19.61
C LEU C 81 11.41 -4.46 19.08
N ARG C 82 11.73 -5.68 18.67
CA ARG C 82 13.05 -5.98 18.07
C ARG C 82 12.92 -6.59 16.68
N THR C 83 13.65 -6.02 15.72
CA THR C 83 13.66 -6.51 14.33
C THR C 83 14.42 -7.83 14.26
N GLY C 84 14.54 -8.36 13.05
CA GLY C 84 15.46 -9.47 12.75
C GLY C 84 16.88 -8.96 12.69
N PHE C 85 17.83 -9.89 12.66
CA PHE C 85 19.26 -9.56 12.61
C PHE C 85 19.62 -9.02 11.23
N ILE C 86 20.40 -7.96 11.19
CA ILE C 86 20.81 -7.37 9.92
C ILE C 86 22.34 -7.48 9.78
N TRP C 87 22.81 -8.23 8.78
CA TRP C 87 24.28 -8.38 8.54
C TRP C 87 24.81 -7.07 7.98
N ARG C 88 25.93 -6.60 8.52
CA ARG C 88 26.37 -5.26 8.18
C ARG C 88 27.49 -5.24 7.16
N ARG C 89 27.96 -6.40 6.71
CA ARG C 89 29.11 -6.47 5.81
C ARG C 89 30.31 -5.77 6.44
N ASP C 90 30.87 -4.79 5.73
CA ASP C 90 31.98 -3.98 6.24
C ASP C 90 31.54 -2.52 6.46
N VAL C 91 30.23 -2.31 6.47
CA VAL C 91 29.60 -1.01 6.68
C VAL C 91 29.98 -0.38 8.02
N GLN C 92 30.38 0.89 7.99
CA GLN C 92 30.77 1.58 9.20
C GLN C 92 29.62 2.38 9.82
N ARG C 93 28.99 3.23 9.02
CA ARG C 93 27.91 4.05 9.48
C ARG C 93 26.62 3.56 8.84
N VAL C 94 25.62 3.27 9.67
CA VAL C 94 24.32 2.83 9.18
C VAL C 94 23.30 3.96 9.35
N TYR C 95 22.47 4.18 8.31
CA TYR C 95 21.31 5.07 8.40
C TYR C 95 20.05 4.25 8.54
N VAL C 96 19.10 4.79 9.29
CA VAL C 96 17.79 4.17 9.44
C VAL C 96 16.76 5.21 9.04
N GLU C 97 15.94 4.87 8.06
CA GLU C 97 14.78 5.65 7.68
C GLU C 97 13.50 5.05 8.28
N LEU C 98 12.76 5.89 8.99
CA LEU C 98 11.55 5.46 9.65
C LEU C 98 10.40 6.28 9.08
N LYS C 99 9.32 5.59 8.74
CA LYS C 99 8.09 6.23 8.32
C LYS C 99 7.04 5.81 9.32
N PHE C 100 6.32 6.81 9.82
CA PHE C 100 5.39 6.57 10.91
C PHE C 100 4.33 7.67 11.02
N THR C 101 3.24 7.35 11.70
CA THR C 101 2.19 8.30 11.99
C THR C 101 1.96 8.29 13.49
N VAL C 102 1.52 9.43 14.03
CA VAL C 102 1.38 9.62 15.48
C VAL C 102 0.11 10.40 15.72
N ARG C 103 -0.69 9.93 16.67
CA ARG C 103 -1.87 10.64 17.06
C ARG C 103 -1.53 11.65 18.18
N ASP C 104 -1.95 12.89 17.98
CA ASP C 104 -1.79 14.01 18.92
C ASP C 104 -2.48 13.66 20.24
N CYS C 105 -1.78 13.78 21.36
CA CYS C 105 -2.37 13.49 22.69
C CYS C 105 -3.58 14.35 23.02
N ASN C 106 -3.49 15.64 22.68
CA ASN C 106 -4.61 16.57 22.83
C ASN C 106 -5.93 16.07 22.27
N SER C 107 -5.86 15.26 21.23
CA SER C 107 -7.04 14.91 20.45
C SER C 107 -7.65 13.57 20.89
N ILE C 108 -7.02 12.91 21.86
CA ILE C 108 -7.57 11.71 22.47
C ILE C 108 -8.24 12.07 23.82
N PRO C 109 -9.55 11.80 23.95
CA PRO C 109 -10.23 12.17 25.20
C PRO C 109 -9.78 11.38 26.41
N ASN C 110 -9.64 12.05 27.55
CA ASN C 110 -9.41 11.40 28.85
C ASN C 110 -8.25 10.40 28.89
N ILE C 111 -7.05 10.93 28.64
CA ILE C 111 -5.80 10.19 28.71
C ILE C 111 -5.04 10.58 29.98
N PRO C 112 -4.12 9.73 30.47
CA PRO C 112 -3.32 10.23 31.60
C PRO C 112 -2.21 11.22 31.15
N GLY C 113 -1.62 11.94 32.11
CA GLY C 113 -0.51 12.83 31.84
C GLY C 113 0.68 12.13 31.18
N SER C 114 0.80 10.82 31.35
CA SER C 114 1.91 10.09 30.76
C SER C 114 1.87 9.93 29.21
N CYS C 115 0.84 10.49 28.54
CA CYS C 115 0.72 10.39 27.06
C CYS C 115 1.92 10.98 26.31
N LYS C 116 2.40 10.22 25.32
CA LYS C 116 3.62 10.57 24.60
C LYS C 116 3.26 10.74 23.15
N GLU C 117 4.09 11.50 22.44
CA GLU C 117 3.95 11.70 21.01
C GLU C 117 5.27 11.40 20.30
N THR C 118 6.13 10.63 20.96
CA THR C 118 7.43 10.26 20.41
C THR C 118 7.63 8.78 20.70
N PHE C 119 8.68 8.20 20.14
CA PHE C 119 9.10 6.81 20.47
C PHE C 119 10.61 6.76 20.28
N ASN C 120 11.25 5.74 20.84
CA ASN C 120 12.69 5.66 20.88
C ASN C 120 13.21 4.59 19.94
N LEU C 121 14.31 4.90 19.26
CA LEU C 121 14.98 4.00 18.34
C LEU C 121 16.28 3.50 19.01
N PHE C 122 16.57 2.20 18.91
CA PHE C 122 17.75 1.57 19.50
C PHE C 122 18.40 0.69 18.46
N TYR C 123 19.65 0.31 18.70
CA TYR C 123 20.27 -0.76 17.93
C TYR C 123 21.02 -1.65 18.92
N TYR C 124 21.35 -2.85 18.47
CA TYR C 124 22.14 -3.79 19.25
C TYR C 124 23.06 -4.58 18.31
N GLU C 125 24.37 -4.40 18.47
CA GLU C 125 25.34 -5.08 17.63
C GLU C 125 25.60 -6.47 18.18
N ALA C 126 25.78 -7.45 17.29
CA ALA C 126 26.09 -8.81 17.72
C ALA C 126 26.96 -9.49 16.66
N ASP C 127 27.73 -10.49 17.06
CA ASP C 127 28.57 -11.21 16.11
C ASP C 127 27.86 -12.35 15.39
N SER C 128 26.62 -12.61 15.77
CA SER C 128 25.74 -13.53 15.04
C SER C 128 24.30 -13.27 15.46
N ASP C 129 23.38 -14.02 14.88
CA ASP C 129 21.98 -13.91 15.20
C ASP C 129 21.71 -14.67 16.50
N VAL C 130 22.10 -14.04 17.60
CA VAL C 130 21.97 -14.61 18.94
C VAL C 130 20.52 -14.68 19.46
N ALA C 131 19.59 -14.01 18.76
CA ALA C 131 18.19 -14.00 19.20
C ALA C 131 17.17 -14.31 18.10
N SER C 132 16.28 -15.26 18.38
CA SER C 132 15.14 -15.54 17.51
C SER C 132 13.95 -14.60 17.79
N ALA C 133 12.94 -14.69 16.92
CA ALA C 133 11.66 -14.01 17.15
C ALA C 133 10.93 -14.47 18.43
N SER C 134 11.13 -15.73 18.84
CA SER C 134 10.57 -16.24 20.11
C SER C 134 11.57 -16.18 21.31
N SER C 135 12.77 -15.65 21.11
CA SER C 135 13.74 -15.53 22.23
C SER C 135 13.27 -14.49 23.26
N PRO C 136 13.68 -14.63 24.54
CA PRO C 136 13.45 -13.57 25.52
C PRO C 136 14.01 -12.26 24.99
N PHE C 137 13.49 -11.14 25.48
CA PHE C 137 13.81 -9.88 24.83
C PHE C 137 15.19 -9.30 25.15
N TRP C 138 15.63 -9.44 26.41
CA TRP C 138 16.79 -8.70 26.86
C TRP C 138 18.08 -9.37 26.46
N MET C 139 19.11 -8.56 26.22
CA MET C 139 20.39 -9.03 25.70
C MET C 139 21.45 -8.88 26.78
N GLU C 140 22.60 -9.53 26.60
CA GLU C 140 23.65 -9.49 27.62
C GLU C 140 24.24 -8.07 27.76
N ASN C 141 24.28 -7.33 26.65
CA ASN C 141 24.69 -5.93 26.63
C ASN C 141 23.45 -5.06 26.41
N PRO C 142 23.57 -3.73 26.59
CA PRO C 142 22.40 -2.87 26.41
C PRO C 142 22.02 -2.64 24.94
N TYR C 143 20.73 -2.59 24.67
CA TYR C 143 20.23 -1.88 23.47
C TYR C 143 20.70 -0.45 23.61
N VAL C 144 21.31 0.09 22.56
CA VAL C 144 21.88 1.44 22.62
C VAL C 144 20.89 2.36 21.97
N LYS C 145 20.40 3.33 22.74
CA LYS C 145 19.48 4.33 22.20
C LYS C 145 20.14 5.25 21.15
N VAL C 146 19.46 5.45 20.04
CA VAL C 146 19.98 6.39 19.05
C VAL C 146 19.40 7.76 19.35
N ASP C 147 18.06 7.80 19.47
CA ASP C 147 17.34 9.06 19.57
C ASP C 147 15.87 8.83 19.93
N THR C 148 15.28 9.87 20.50
CA THR C 148 13.83 10.01 20.54
C THR C 148 13.40 10.52 19.16
N ILE C 149 12.45 9.82 18.56
CA ILE C 149 11.95 10.15 17.22
C ILE C 149 10.62 10.86 17.39
N ALA C 150 10.55 12.10 16.90
CA ALA C 150 9.33 12.92 17.03
C ALA C 150 8.69 13.16 15.66
N PRO C 151 7.37 13.36 15.62
CA PRO C 151 6.85 13.71 14.28
C PRO C 151 7.20 15.15 13.86
N ASP C 152 6.98 15.50 12.60
CA ASP C 152 6.94 16.90 12.20
C ASP C 152 5.59 17.46 12.63
N GLU C 153 4.52 16.85 12.13
CA GLU C 153 3.17 17.05 12.64
C GLU C 153 2.52 15.73 13.08
N SER C 154 1.79 15.78 14.19
CA SER C 154 0.83 14.73 14.54
C SER C 154 -0.56 15.08 13.95
N PHE C 155 -1.44 14.08 13.87
CA PHE C 155 -2.74 14.27 13.23
C PHE C 155 -3.89 14.15 14.27
N GLY C 161 -4.12 10.42 9.00
CA GLY C 161 -2.77 10.50 9.55
C GLY C 161 -1.77 10.77 8.44
N ARG C 162 -0.92 11.78 8.64
CA ARG C 162 0.10 12.07 7.63
C ARG C 162 1.42 11.42 8.01
N VAL C 163 2.04 10.78 7.03
CA VAL C 163 3.24 9.98 7.28
C VAL C 163 4.42 10.92 7.58
N ASN C 164 5.14 10.65 8.66
CA ASN C 164 6.38 11.33 8.95
C ASN C 164 7.54 10.44 8.49
N THR C 165 8.54 11.05 7.87
CA THR C 165 9.72 10.31 7.45
C THR C 165 10.90 10.91 8.17
N LYS C 166 11.60 10.10 8.95
CA LYS C 166 12.77 10.57 9.67
C LYS C 166 13.96 9.65 9.44
N VAL C 167 15.15 10.24 9.36
CA VAL C 167 16.38 9.47 9.14
C VAL C 167 17.36 9.79 10.28
N ARG C 168 17.95 8.75 10.86
CA ARG C 168 19.05 8.87 11.82
C ARG C 168 20.18 7.92 11.46
N SER C 169 21.39 8.19 11.95
CA SER C 169 22.51 7.28 11.73
C SER C 169 23.24 6.94 13.02
N PHE C 170 23.99 5.85 12.99
CA PHE C 170 24.80 5.42 14.15
C PHE C 170 26.01 4.64 13.68
N GLY C 171 26.99 4.51 14.56
CA GLY C 171 28.27 3.94 14.18
C GLY C 171 29.39 4.56 14.99
N PRO C 172 30.63 4.05 14.81
CA PRO C 172 30.96 2.99 13.86
C PRO C 172 30.55 1.57 14.32
N LEU C 173 30.07 0.76 13.39
CA LEU C 173 29.81 -0.64 13.72
C LEU C 173 31.08 -1.47 13.66
N SER C 174 31.14 -2.53 14.47
CA SER C 174 32.35 -3.35 14.56
C SER C 174 32.09 -4.83 14.80
N LYS C 175 30.83 -5.23 14.84
CA LYS C 175 30.49 -6.65 14.95
C LYS C 175 29.85 -7.09 13.63
N ALA C 176 29.48 -8.37 13.51
CA ALA C 176 29.00 -8.89 12.20
C ALA C 176 27.64 -8.35 11.73
N GLY C 177 26.80 -7.90 12.66
CA GLY C 177 25.56 -7.20 12.30
C GLY C 177 24.91 -6.54 13.49
N PHE C 178 23.63 -6.22 13.37
CA PHE C 178 22.89 -5.52 14.40
C PHE C 178 21.40 -5.86 14.30
N TYR C 179 20.69 -5.72 15.42
CA TYR C 179 19.24 -5.57 15.45
C TYR C 179 18.86 -4.12 15.58
N LEU C 180 17.67 -3.76 15.14
CA LEU C 180 17.14 -2.49 15.57
C LEU C 180 16.05 -2.80 16.59
N ALA C 181 15.73 -1.82 17.44
CA ALA C 181 14.68 -1.97 18.43
C ALA C 181 13.94 -0.65 18.60
N PHE C 182 12.71 -0.74 19.09
CA PHE C 182 11.84 0.43 19.31
C PHE C 182 11.21 0.33 20.67
N GLN C 183 11.18 1.45 21.39
CA GLN C 183 10.50 1.55 22.67
C GLN C 183 9.35 2.56 22.62
N ASP C 184 8.14 2.08 22.90
CA ASP C 184 7.00 2.96 23.17
C ASP C 184 6.71 3.07 24.66
N GLN C 185 6.40 4.28 25.11
CA GLN C 185 6.03 4.48 26.50
C GLN C 185 4.67 5.15 26.70
N GLY C 186 3.74 4.96 25.79
CA GLY C 186 2.41 5.53 25.97
C GLY C 186 2.02 6.46 24.86
N ALA C 187 2.51 6.18 23.66
CA ALA C 187 2.09 6.89 22.45
C ALA C 187 0.94 6.14 21.78
N CYS C 188 0.31 6.80 20.81
CA CYS C 188 -0.67 6.14 19.99
C CYS C 188 -0.13 6.35 18.60
N MET C 189 0.43 5.30 18.00
CA MET C 189 1.22 5.48 16.77
C MET C 189 1.29 4.25 15.93
N SER C 190 1.70 4.47 14.70
CA SER C 190 1.91 3.40 13.75
C SER C 190 3.24 3.55 13.07
N LEU C 191 4.06 2.49 13.16
CA LEU C 191 5.33 2.41 12.47
C LEU C 191 5.09 1.73 11.11
N ILE C 192 5.10 2.53 10.06
CA ILE C 192 4.70 2.13 8.70
C ILE C 192 5.81 1.38 7.96
N SER C 193 7.04 1.88 8.04
CA SER C 193 8.16 1.14 7.47
C SER C 193 9.49 1.50 8.09
N VAL C 194 10.42 0.57 7.96
CA VAL C 194 11.75 0.76 8.51
C VAL C 194 12.69 0.34 7.40
N ARG C 195 13.70 1.16 7.12
CA ARG C 195 14.71 0.81 6.14
C ARG C 195 16.09 1.19 6.67
N ALA C 196 16.98 0.20 6.72
CA ALA C 196 18.37 0.42 7.11
C ALA C 196 19.26 0.41 5.86
N PHE C 197 20.07 1.46 5.70
CA PHE C 197 20.94 1.57 4.53
C PHE C 197 22.28 2.20 4.88
N TYR C 198 23.18 2.27 3.90
CA TYR C 198 24.44 2.98 4.07
C TYR C 198 24.82 3.66 2.77
N LYS C 199 25.79 4.57 2.85
CA LYS C 199 26.20 5.36 1.67
C LYS C 199 27.52 4.87 1.10
#